data_5TYJ
#
_entry.id   5TYJ
#
_cell.length_a   48.582
_cell.length_b   102.449
_cell.length_c   224.353
_cell.angle_alpha   90.00
_cell.angle_beta   90.00
_cell.angle_gamma   90.00
#
_symmetry.space_group_name_H-M   'C 2 2 21'
#
loop_
_entity.id
_entity.type
_entity.pdbx_description
1 polymer 'Carboxylic ester hydrolase'
2 non-polymer '(3-bromo-5-phenoxyphenyl)boronic acid'
3 water water
#
_entity_poly.entity_id   1
_entity_poly.type   'polypeptide(L)'
_entity_poly.pdbx_seq_one_letter_code
;MHHHHHHMNFNVSLMEKLKWKIKCIENKFLNYRLTTNETVVAETEYGKVKGVKRLTVYDDSYYSFEGIPYAQPPVGELRF
KAPQRPTPWAGVRDCCNHKDKSVQVDFITGKVCGSEDCLYLSVYTNNLNPETKRPVLVYIHGGDFIIGENHRDMYGPDYF
IKKDVVLINIQYRLGALGFLSLNSEDLNVPGNAGLKDQVMALRWIKNNCANFGGNPDNITVFGESAGAASTHYMMLTEQT
RGLFHRGILMSGNAICPWANTQCQHRAFTLAKLAGYKGEDNDKDVLEFLMKAKPQDLIKLEEKVLTLEERTNKVMFPFGP
TVEPYQTADCVLPKHPREMVKTAWGNSIPTMMGNTSYEGLFFTSILKQMPLLVKELETCVNFVPSELADAERTAPETLEM
GAKIKKAHVTGETPTADNFMDLCSHFYFWFPMHRLLQLRFNHTSGTPVYLYRFDFDSEDLINPYRIMRSGRGVKGVSHTD
ELTYFFWNQLAKRMPKESREYKTIERMTGIWTQFATTGNPYSNEIEGMENVSWDPIEKSDEVYKCLNISDELKMIDVPEM
GKIKQWESMFEKHRDLF
;
_entity_poly.pdbx_strand_id   A
#
# COMPACT_ATOMS: atom_id res chain seq x y z
N VAL A 12 12.27 -19.28 -3.14
CA VAL A 12 12.16 -19.23 -4.59
C VAL A 12 12.59 -20.57 -5.23
N SER A 13 12.10 -20.83 -6.44
CA SER A 13 12.50 -22.00 -7.19
C SER A 13 13.22 -21.60 -8.47
N LEU A 14 13.95 -22.55 -9.06
CA LEU A 14 14.42 -22.39 -10.43
C LEU A 14 13.20 -22.40 -11.34
N MET A 15 12.22 -23.20 -10.93
CA MET A 15 10.97 -23.38 -11.64
C MET A 15 10.17 -22.09 -11.80
N GLU A 16 10.21 -21.25 -10.77
CA GLU A 16 9.35 -20.08 -10.71
C GLU A 16 10.10 -18.89 -11.22
N LYS A 17 11.41 -19.06 -11.38
CA LYS A 17 12.25 -18.06 -12.03
C LYS A 17 12.14 -18.21 -13.54
N LEU A 18 11.84 -19.44 -13.99
CA LEU A 18 11.81 -19.74 -15.41
C LEU A 18 10.48 -19.37 -16.07
N LYS A 19 9.37 -19.87 -15.52
CA LYS A 19 8.07 -19.68 -16.17
C LYS A 19 7.45 -18.32 -15.80
N TRP A 20 7.97 -17.68 -14.75
CA TRP A 20 7.64 -16.28 -14.54
C TRP A 20 8.22 -15.44 -15.67
N LYS A 21 9.35 -15.91 -16.23
CA LYS A 21 9.99 -15.22 -17.34
C LYS A 21 9.32 -15.55 -18.67
N ILE A 22 8.65 -16.69 -18.77
CA ILE A 22 7.94 -17.03 -20.00
C ILE A 22 6.52 -16.47 -19.98
N LYS A 23 5.99 -16.21 -18.79
CA LYS A 23 4.71 -15.52 -18.69
C LYS A 23 5.02 -14.03 -18.65
N CYS A 24 6.32 -13.73 -18.56
CA CYS A 24 6.84 -12.41 -18.85
C CYS A 24 7.00 -12.30 -20.36
N ILE A 25 7.25 -13.45 -21.01
CA ILE A 25 7.26 -13.55 -22.46
C ILE A 25 5.83 -13.49 -23.01
N GLU A 26 4.90 -14.14 -22.32
CA GLU A 26 3.51 -14.10 -22.76
C GLU A 26 2.93 -12.74 -22.41
N ASN A 27 3.48 -12.07 -21.40
CA ASN A 27 2.97 -10.74 -21.13
C ASN A 27 3.33 -9.91 -22.34
N LYS A 28 4.58 -10.14 -22.75
CA LYS A 28 5.32 -9.38 -23.76
C LYS A 28 4.52 -9.30 -25.04
N PHE A 29 4.11 -10.49 -25.48
CA PHE A 29 3.42 -10.65 -26.77
C PHE A 29 2.01 -10.11 -26.67
N LEU A 30 1.29 -10.52 -25.63
CA LEU A 30 -0.11 -10.14 -25.42
C LEU A 30 -0.29 -8.63 -25.23
N ASN A 31 0.76 -7.93 -24.80
CA ASN A 31 0.67 -6.48 -24.59
C ASN A 31 0.64 -5.73 -25.91
N TYR A 32 1.33 -6.28 -26.91
CA TYR A 32 1.33 -5.69 -28.25
C TYR A 32 0.10 -6.16 -29.03
N ARG A 33 -0.26 -7.43 -28.83
CA ARG A 33 -1.44 -7.99 -29.44
C ARG A 33 -2.68 -7.21 -29.03
N LEU A 34 -2.83 -6.97 -27.73
CA LEU A 34 -3.98 -6.24 -27.20
C LEU A 34 -3.79 -4.74 -27.31
N THR A 35 -2.89 -4.30 -28.17
CA THR A 35 -2.75 -2.89 -28.46
C THR A 35 -3.39 -2.58 -29.83
N THR A 36 -3.94 -1.39 -29.97
CA THR A 36 -4.48 -0.93 -31.25
C THR A 36 -3.62 0.18 -31.82
N ASN A 37 -3.72 0.40 -33.12
CA ASN A 37 -2.91 1.42 -33.78
C ASN A 37 -3.54 2.80 -33.64
N GLU A 38 -4.56 2.90 -32.80
CA GLU A 38 -5.20 4.16 -32.49
C GLU A 38 -4.48 4.89 -31.35
N THR A 39 -3.71 5.92 -31.69
CA THR A 39 -2.99 6.68 -30.68
C THR A 39 -3.69 8.02 -30.49
N VAL A 40 -3.30 8.74 -29.43
CA VAL A 40 -3.96 9.99 -29.11
C VAL A 40 -3.05 10.90 -28.27
N VAL A 41 -3.26 12.21 -28.41
CA VAL A 41 -2.48 13.18 -27.67
C VAL A 41 -3.35 13.87 -26.64
N ALA A 42 -2.77 14.18 -25.48
CA ALA A 42 -3.52 14.88 -24.44
C ALA A 42 -2.72 16.05 -23.85
N GLU A 43 -3.44 16.97 -23.23
CA GLU A 43 -2.85 18.16 -22.65
C GLU A 43 -2.39 17.96 -21.22
N THR A 44 -1.12 18.24 -20.94
CA THR A 44 -0.71 18.36 -19.55
C THR A 44 -0.03 19.70 -19.38
N GLU A 45 -0.10 20.23 -18.16
CA GLU A 45 0.47 21.53 -17.87
C GLU A 45 1.99 21.57 -18.10
N TYR A 46 2.57 20.43 -18.47
CA TYR A 46 4.00 20.34 -18.75
C TYR A 46 4.25 20.11 -20.23
N GLY A 47 3.18 20.07 -21.00
CA GLY A 47 3.29 19.79 -22.42
C GLY A 47 2.43 18.60 -22.78
N LYS A 48 2.37 18.28 -24.07
CA LYS A 48 1.48 17.25 -24.57
C LYS A 48 2.08 15.88 -24.32
N VAL A 49 1.21 14.89 -24.09
CA VAL A 49 1.65 13.50 -23.96
C VAL A 49 0.91 12.65 -24.98
N LYS A 50 1.52 11.54 -25.37
CA LYS A 50 0.95 10.69 -26.41
C LYS A 50 0.58 9.30 -25.91
N GLY A 51 -0.71 9.04 -25.74
CA GLY A 51 -1.17 7.73 -25.32
C GLY A 51 -1.59 6.84 -26.46
N VAL A 52 -2.14 5.68 -26.12
CA VAL A 52 -2.52 4.68 -27.11
C VAL A 52 -3.69 3.86 -26.60
N LYS A 53 -4.61 3.48 -27.48
CA LYS A 53 -5.76 2.66 -27.05
C LYS A 53 -5.39 1.18 -26.95
N ARG A 54 -5.90 0.53 -25.89
CA ARG A 54 -5.63 -0.88 -25.63
C ARG A 54 -6.90 -1.70 -25.43
N LEU A 55 -6.78 -3.02 -25.57
CA LEU A 55 -7.91 -3.91 -25.32
C LEU A 55 -7.69 -4.80 -24.11
N THR A 56 -8.79 -5.22 -23.49
CA THR A 56 -8.74 -6.18 -22.41
C THR A 56 -9.12 -7.54 -22.97
N VAL A 57 -8.84 -8.60 -22.23
CA VAL A 57 -9.27 -9.92 -22.67
C VAL A 57 -10.80 -10.05 -22.59
N TYR A 58 -11.45 -9.00 -22.10
CA TYR A 58 -12.91 -8.94 -22.04
C TYR A 58 -13.45 -8.07 -23.18
N ASP A 59 -12.63 -7.93 -24.21
CA ASP A 59 -12.95 -7.11 -25.40
C ASP A 59 -13.36 -5.69 -25.07
N ASP A 60 -12.93 -5.21 -23.90
CA ASP A 60 -13.14 -3.81 -23.55
C ASP A 60 -11.99 -3.01 -24.13
N SER A 61 -12.06 -1.69 -24.03
CA SER A 61 -11.01 -0.86 -24.56
C SER A 61 -10.81 0.39 -23.72
N TYR A 62 -9.58 0.87 -23.68
CA TYR A 62 -9.26 2.06 -22.91
C TYR A 62 -8.07 2.80 -23.50
N TYR A 63 -8.03 4.10 -23.27
CA TYR A 63 -6.86 4.90 -23.59
C TYR A 63 -5.81 4.74 -22.49
N SER A 64 -4.55 4.65 -22.89
CA SER A 64 -3.48 4.36 -21.95
C SER A 64 -2.39 5.39 -22.07
N PHE A 65 -2.17 6.15 -21.00
CA PHE A 65 -1.05 7.09 -20.91
C PHE A 65 -0.08 6.62 -19.84
N GLU A 66 1.09 6.10 -20.23
CA GLU A 66 2.06 5.61 -19.26
C GLU A 66 3.37 6.42 -19.32
N GLY A 67 4.10 6.46 -18.22
CA GLY A 67 5.37 7.16 -18.22
C GLY A 67 5.23 8.67 -18.19
N ILE A 68 4.16 9.18 -17.60
CA ILE A 68 4.04 10.61 -17.38
C ILE A 68 4.84 11.05 -16.14
N PRO A 69 5.89 11.86 -16.35
CA PRO A 69 6.74 12.30 -15.23
C PRO A 69 6.05 13.36 -14.40
N TYR A 70 6.02 13.21 -13.08
CA TYR A 70 5.45 14.26 -12.24
C TYR A 70 6.56 14.95 -11.46
N ALA A 71 7.79 14.51 -11.67
CA ALA A 71 8.96 15.07 -11.01
C ALA A 71 10.23 14.87 -11.84
N GLN A 72 11.24 15.67 -11.52
CA GLN A 72 12.57 15.46 -12.08
C GLN A 72 13.07 14.06 -11.73
N PRO A 73 13.74 13.38 -12.69
CA PRO A 73 14.43 12.13 -12.33
C PRO A 73 15.37 12.36 -11.15
N PRO A 74 15.20 11.58 -10.07
CA PRO A 74 15.87 11.92 -8.80
C PRO A 74 17.26 11.33 -8.74
N VAL A 75 18.06 11.69 -9.72
CA VAL A 75 19.38 11.13 -9.90
C VAL A 75 20.42 12.16 -9.55
N GLY A 76 21.66 11.73 -9.35
CA GLY A 76 22.74 12.65 -9.08
C GLY A 76 22.62 13.27 -7.72
N GLU A 77 22.66 14.60 -7.69
CA GLU A 77 22.54 15.34 -6.45
C GLU A 77 21.09 15.40 -5.95
N LEU A 78 20.17 14.92 -6.78
CA LEU A 78 18.77 14.83 -6.37
C LEU A 78 18.44 13.51 -5.67
N ARG A 79 19.42 12.61 -5.58
CA ARG A 79 19.20 11.34 -4.89
C ARG A 79 19.02 11.56 -3.38
N PHE A 80 18.04 10.86 -2.80
CA PHE A 80 17.62 11.00 -1.39
C PHE A 80 16.91 12.31 -1.09
N LYS A 81 16.73 13.14 -2.10
CA LYS A 81 16.18 14.48 -1.92
C LYS A 81 14.68 14.50 -2.23
N ALA A 82 13.96 15.46 -1.66
CA ALA A 82 12.59 15.74 -2.05
C ALA A 82 12.46 15.93 -3.57
N PRO A 83 11.33 15.47 -4.15
CA PRO A 83 11.15 15.56 -5.60
C PRO A 83 11.03 17.01 -6.06
N GLN A 84 11.54 17.27 -7.26
CA GLN A 84 11.49 18.60 -7.86
C GLN A 84 10.57 18.58 -9.05
N ARG A 85 9.86 19.67 -9.27
CA ARG A 85 8.96 19.80 -10.41
C ARG A 85 9.73 19.55 -11.70
N PRO A 86 9.15 18.77 -12.61
CA PRO A 86 9.85 18.36 -13.84
C PRO A 86 10.03 19.52 -14.84
N THR A 87 10.90 19.30 -15.82
CA THR A 87 11.16 20.27 -16.86
C THR A 87 10.15 20.09 -17.99
N PRO A 88 9.43 21.16 -18.36
CA PRO A 88 8.44 21.05 -19.43
C PRO A 88 9.09 20.76 -20.78
N TRP A 89 8.26 20.53 -21.78
CA TRP A 89 8.78 20.21 -23.10
C TRP A 89 7.85 20.75 -24.19
N ALA A 90 8.46 21.30 -25.24
CA ALA A 90 7.72 21.56 -26.46
C ALA A 90 7.54 20.22 -27.17
N GLY A 91 6.71 20.20 -28.20
CA GLY A 91 6.45 18.96 -28.90
C GLY A 91 5.68 17.99 -28.02
N VAL A 92 5.61 16.74 -28.46
CA VAL A 92 4.82 15.74 -27.77
C VAL A 92 5.69 14.67 -27.11
N ARG A 93 5.48 14.46 -25.83
CA ARG A 93 6.17 13.38 -25.12
C ARG A 93 5.51 12.04 -25.43
N ASP A 94 6.33 11.04 -25.73
CA ASP A 94 5.85 9.68 -25.95
C ASP A 94 5.40 9.04 -24.63
N CYS A 95 4.17 8.53 -24.60
CA CYS A 95 3.62 7.87 -23.40
C CYS A 95 2.90 6.57 -23.75
N CYS A 96 3.44 5.84 -24.73
CA CYS A 96 2.83 4.57 -25.17
C CYS A 96 3.50 3.35 -24.56
N ASN A 97 4.61 3.57 -23.86
CA ASN A 97 5.31 2.47 -23.20
C ASN A 97 5.63 2.83 -21.76
N HIS A 98 5.65 1.83 -20.89
CA HIS A 98 5.89 2.07 -19.48
C HIS A 98 7.35 2.39 -19.23
N LYS A 99 7.61 3.16 -18.18
CA LYS A 99 8.98 3.42 -17.73
C LYS A 99 9.45 2.26 -16.84
N ASP A 100 10.55 2.46 -16.12
CA ASP A 100 11.00 1.39 -15.24
C ASP A 100 10.47 1.62 -13.84
N LYS A 101 10.51 0.57 -13.03
CA LYS A 101 10.03 0.65 -11.65
C LYS A 101 11.14 1.23 -10.77
N SER A 102 10.80 1.56 -9.53
CA SER A 102 11.81 2.01 -8.58
C SER A 102 12.78 0.87 -8.28
N VAL A 103 14.05 1.21 -8.04
CA VAL A 103 15.08 0.21 -7.77
C VAL A 103 14.66 -0.65 -6.59
N GLN A 104 14.72 -1.96 -6.78
CA GLN A 104 14.20 -2.90 -5.79
C GLN A 104 14.72 -4.29 -6.10
N VAL A 105 14.65 -5.16 -5.11
CA VAL A 105 15.05 -6.56 -5.31
C VAL A 105 13.86 -7.33 -5.85
N ASP A 106 14.03 -7.94 -7.03
CA ASP A 106 12.96 -8.74 -7.62
C ASP A 106 12.60 -9.88 -6.67
N PHE A 107 11.37 -9.89 -6.18
CA PHE A 107 10.95 -10.91 -5.21
C PHE A 107 11.03 -12.31 -5.82
N ILE A 108 10.92 -12.37 -7.16
CA ILE A 108 11.02 -13.64 -7.88
C ILE A 108 12.48 -14.10 -8.07
N THR A 109 13.26 -13.31 -8.80
CA THR A 109 14.59 -13.74 -9.20
C THR A 109 15.69 -13.41 -8.19
N GLY A 110 15.37 -12.57 -7.19
CA GLY A 110 16.35 -12.18 -6.19
C GLY A 110 17.35 -11.13 -6.66
N LYS A 111 17.33 -10.84 -7.96
CA LYS A 111 18.23 -9.86 -8.55
C LYS A 111 17.66 -8.45 -8.46
N VAL A 112 18.53 -7.46 -8.34
CA VAL A 112 18.05 -6.08 -8.28
C VAL A 112 17.58 -5.67 -9.66
N CYS A 113 16.42 -5.03 -9.73
CA CYS A 113 15.96 -4.46 -10.99
C CYS A 113 15.46 -3.04 -10.77
N GLY A 114 14.98 -2.44 -11.85
CA GLY A 114 14.45 -1.09 -11.84
C GLY A 114 15.50 -0.02 -12.09
N SER A 115 15.12 1.22 -11.80
CA SER A 115 15.98 2.35 -12.10
C SER A 115 15.73 3.49 -11.11
N GLU A 116 16.71 4.37 -10.93
CA GLU A 116 16.44 5.57 -10.15
C GLU A 116 15.44 6.48 -10.85
N ASP A 117 15.35 6.34 -12.17
CA ASP A 117 14.48 7.15 -13.02
C ASP A 117 13.09 6.50 -13.04
N CYS A 118 12.31 6.77 -11.99
CA CYS A 118 11.08 6.05 -11.77
C CYS A 118 9.88 6.89 -11.36
N LEU A 119 10.02 8.21 -11.35
CA LEU A 119 8.93 9.04 -10.83
C LEU A 119 7.91 9.34 -11.92
N TYR A 120 7.11 8.33 -12.23
CA TYR A 120 6.07 8.41 -13.25
C TYR A 120 4.70 7.95 -12.75
N LEU A 121 3.65 8.43 -13.41
CA LEU A 121 2.31 7.92 -13.18
C LEU A 121 1.71 7.51 -14.52
N SER A 122 0.66 6.70 -14.45
CA SER A 122 -0.06 6.18 -15.61
C SER A 122 -1.52 6.55 -15.49
N VAL A 123 -2.11 7.00 -16.60
CA VAL A 123 -3.50 7.44 -16.60
C VAL A 123 -4.32 6.58 -17.56
N TYR A 124 -5.44 6.05 -17.07
CA TYR A 124 -6.30 5.20 -17.89
C TYR A 124 -7.75 5.67 -17.85
N THR A 125 -8.45 5.51 -18.98
CA THR A 125 -9.88 5.86 -19.10
C THR A 125 -10.49 5.32 -20.41
N ASN A 126 -11.74 4.84 -20.36
CA ASN A 126 -12.35 4.24 -21.56
C ASN A 126 -12.90 5.30 -22.50
N ASN A 127 -12.74 6.56 -22.12
CA ASN A 127 -13.32 7.66 -22.87
C ASN A 127 -12.64 8.98 -22.55
N LEU A 128 -11.80 9.44 -23.48
CA LEU A 128 -11.07 10.68 -23.28
C LEU A 128 -12.02 11.87 -23.31
N ASN A 129 -13.11 11.73 -24.06
CA ASN A 129 -14.13 12.78 -24.13
C ASN A 129 -15.47 12.31 -23.58
N PRO A 130 -15.58 12.19 -22.25
CA PRO A 130 -16.86 11.84 -21.65
C PRO A 130 -17.75 13.08 -21.58
N GLU A 131 -19.06 12.88 -21.51
CA GLU A 131 -19.99 13.99 -21.46
C GLU A 131 -19.96 14.66 -20.08
N THR A 132 -19.55 13.90 -19.07
CA THR A 132 -19.52 14.40 -17.69
C THR A 132 -18.13 14.27 -17.06
N LYS A 133 -17.84 15.13 -16.10
CA LYS A 133 -16.58 15.07 -15.36
C LYS A 133 -16.53 13.83 -14.50
N ARG A 134 -15.52 12.98 -14.70
CA ARG A 134 -15.53 11.63 -14.12
C ARG A 134 -14.84 11.54 -12.76
N PRO A 135 -15.26 10.56 -11.93
CA PRO A 135 -14.53 10.29 -10.67
C PRO A 135 -13.11 9.83 -10.98
N VAL A 136 -12.14 10.35 -10.23
CA VAL A 136 -10.75 10.00 -10.43
C VAL A 136 -10.29 9.10 -9.28
N LEU A 137 -9.80 7.92 -9.61
CA LEU A 137 -9.28 7.00 -8.61
C LEU A 137 -7.77 6.88 -8.75
N VAL A 138 -7.06 7.13 -7.66
CA VAL A 138 -5.62 7.11 -7.64
C VAL A 138 -5.13 5.95 -6.77
N TYR A 139 -4.41 4.99 -7.36
CA TYR A 139 -3.97 3.83 -6.61
C TYR A 139 -2.49 3.93 -6.22
N ILE A 140 -2.21 3.70 -4.93
CA ILE A 140 -0.84 3.66 -4.42
C ILE A 140 -0.52 2.21 -4.05
N HIS A 141 0.44 1.60 -4.75
CA HIS A 141 0.74 0.19 -4.52
C HIS A 141 1.46 -0.02 -3.19
N GLY A 142 1.28 -1.21 -2.62
CA GLY A 142 2.04 -1.62 -1.46
C GLY A 142 3.31 -2.34 -1.87
N GLY A 143 3.83 -3.19 -0.99
CA GLY A 143 5.13 -3.78 -1.20
C GLY A 143 6.13 -3.43 -0.12
N ASP A 144 5.61 -3.18 1.08
CA ASP A 144 6.43 -2.96 2.27
C ASP A 144 7.43 -1.78 2.09
N PHE A 145 7.09 -0.85 1.21
CA PHE A 145 7.96 0.30 0.84
C PHE A 145 9.28 -0.11 0.23
N ILE A 146 9.42 -1.38 -0.17
CA ILE A 146 10.67 -1.83 -0.78
C ILE A 146 10.48 -2.51 -2.14
N ILE A 147 9.26 -2.91 -2.48
CA ILE A 147 8.98 -3.36 -3.86
C ILE A 147 7.65 -2.77 -4.40
N GLY A 148 7.38 -3.08 -5.67
CA GLY A 148 6.13 -2.65 -6.28
C GLY A 148 6.34 -1.79 -7.51
N GLU A 149 5.30 -1.65 -8.32
CA GLU A 149 5.41 -0.90 -9.57
C GLU A 149 4.02 -0.51 -10.05
N ASN A 150 3.96 0.26 -11.13
CA ASN A 150 2.67 0.58 -11.74
C ASN A 150 2.57 -0.03 -13.13
N HIS A 151 3.36 -1.07 -13.35
CA HIS A 151 3.30 -1.82 -14.59
C HIS A 151 2.01 -2.60 -14.62
N ARG A 152 1.47 -2.81 -15.81
CA ARG A 152 0.15 -3.41 -15.95
C ARG A 152 0.23 -4.93 -15.85
N ASP A 153 1.46 -5.46 -15.73
CA ASP A 153 1.61 -6.89 -15.47
C ASP A 153 1.30 -7.25 -14.04
N MET A 154 1.22 -6.23 -13.19
N MET A 154 1.22 -6.23 -13.20
CA MET A 154 0.81 -6.46 -11.82
CA MET A 154 0.87 -6.41 -11.81
C MET A 154 -0.42 -5.63 -11.51
C MET A 154 -0.37 -5.61 -11.49
N TYR A 155 -0.50 -4.43 -12.10
CA TYR A 155 -1.64 -3.56 -11.81
C TYR A 155 -2.37 -3.05 -13.08
N GLY A 156 -2.88 -3.99 -13.86
CA GLY A 156 -3.64 -3.68 -15.06
C GLY A 156 -4.99 -3.04 -14.76
N PRO A 157 -5.31 -1.97 -15.49
CA PRO A 157 -6.56 -1.20 -15.30
C PRO A 157 -7.77 -1.87 -15.95
N ASP A 158 -7.61 -3.09 -16.45
CA ASP A 158 -8.57 -3.73 -17.35
C ASP A 158 -9.97 -3.93 -16.76
N TYR A 159 -10.06 -4.02 -15.44
CA TYR A 159 -11.36 -4.23 -14.80
C TYR A 159 -12.04 -2.89 -14.50
N PHE A 160 -11.26 -1.93 -14.00
CA PHE A 160 -11.80 -0.62 -13.66
C PHE A 160 -12.26 0.18 -14.88
N ILE A 161 -11.70 -0.11 -16.05
CA ILE A 161 -12.06 0.68 -17.22
C ILE A 161 -13.43 0.26 -17.76
N LYS A 162 -13.92 -0.91 -17.33
CA LYS A 162 -15.33 -1.27 -17.51
C LYS A 162 -16.25 -0.18 -16.95
N LYS A 163 -15.77 0.53 -15.92
CA LYS A 163 -16.53 1.59 -15.30
C LYS A 163 -16.13 2.95 -15.88
N ASP A 164 -17.01 3.94 -15.74
CA ASP A 164 -16.76 5.24 -16.33
C ASP A 164 -16.07 6.12 -15.31
N VAL A 165 -14.80 5.79 -15.07
CA VAL A 165 -13.96 6.55 -14.16
C VAL A 165 -12.63 6.78 -14.85
N VAL A 166 -11.78 7.61 -14.25
CA VAL A 166 -10.39 7.68 -14.67
C VAL A 166 -9.54 7.05 -13.55
N LEU A 167 -8.67 6.12 -13.92
CA LEU A 167 -7.80 5.45 -12.97
C LEU A 167 -6.34 5.81 -13.23
N ILE A 168 -5.64 6.16 -12.15
CA ILE A 168 -4.27 6.63 -12.22
C ILE A 168 -3.42 5.86 -11.19
N ASN A 169 -2.43 5.13 -11.68
CA ASN A 169 -1.48 4.39 -10.84
C ASN A 169 -0.14 5.09 -10.79
N ILE A 170 0.33 5.37 -9.59
CA ILE A 170 1.55 6.14 -9.41
C ILE A 170 2.72 5.26 -8.97
N GLN A 171 3.93 5.72 -9.26
CA GLN A 171 5.11 5.16 -8.63
C GLN A 171 5.69 6.16 -7.68
N TYR A 172 6.60 5.69 -6.82
CA TYR A 172 7.24 6.54 -5.84
C TYR A 172 8.51 5.83 -5.41
N ARG A 173 9.48 6.57 -4.90
CA ARG A 173 10.75 5.94 -4.57
C ARG A 173 10.60 4.96 -3.39
N LEU A 174 11.27 3.82 -3.52
CA LEU A 174 11.22 2.76 -2.52
C LEU A 174 12.54 2.60 -1.79
N GLY A 175 12.49 1.95 -0.64
CA GLY A 175 13.67 1.56 0.13
C GLY A 175 14.52 2.74 0.58
N ALA A 176 15.83 2.51 0.68
CA ALA A 176 16.73 3.59 1.08
C ALA A 176 16.66 4.80 0.14
N LEU A 177 16.48 4.56 -1.16
CA LEU A 177 16.44 5.66 -2.13
C LEU A 177 15.21 6.53 -1.90
N GLY A 178 14.17 5.96 -1.32
CA GLY A 178 13.00 6.75 -0.99
C GLY A 178 12.92 7.24 0.44
N PHE A 179 13.66 6.61 1.35
CA PHE A 179 13.35 6.84 2.76
C PHE A 179 14.59 7.01 3.66
N LEU A 180 15.74 7.27 3.06
CA LEU A 180 16.90 7.69 3.85
C LEU A 180 16.52 8.89 4.71
N SER A 181 16.99 8.93 5.95
CA SER A 181 16.76 10.10 6.79
C SER A 181 17.98 10.46 7.62
N LEU A 182 18.41 11.73 7.53
CA LEU A 182 19.57 12.15 8.29
C LEU A 182 19.20 13.29 9.23
N ASN A 183 19.78 13.26 10.42
CA ASN A 183 19.48 14.26 11.42
C ASN A 183 19.99 15.66 11.06
N SER A 184 21.13 15.72 10.37
CA SER A 184 21.77 17.00 10.05
C SER A 184 20.94 17.92 9.17
N GLU A 185 20.58 19.09 9.70
CA GLU A 185 19.81 20.08 8.91
C GLU A 185 20.54 20.54 7.65
N ASP A 186 21.87 20.56 7.71
CA ASP A 186 22.69 21.04 6.59
C ASP A 186 22.51 20.23 5.31
N LEU A 187 22.06 18.99 5.41
CA LEU A 187 22.16 18.05 4.30
C LEU A 187 20.88 17.91 3.47
N ASN A 188 19.79 18.47 3.98
CA ASN A 188 18.48 18.42 3.32
C ASN A 188 18.01 17.02 2.94
N VAL A 189 18.27 16.06 3.83
CA VAL A 189 17.78 14.70 3.68
C VAL A 189 16.97 14.36 4.93
N PRO A 190 15.83 15.02 5.10
CA PRO A 190 15.09 14.80 6.35
C PRO A 190 14.35 13.45 6.39
N GLY A 191 14.13 12.82 5.23
CA GLY A 191 13.37 11.59 5.18
C GLY A 191 12.08 11.70 4.36
N ASN A 192 11.43 10.55 4.14
CA ASN A 192 10.11 10.49 3.52
C ASN A 192 10.07 11.02 2.12
N ALA A 193 11.21 10.99 1.40
CA ALA A 193 11.20 11.39 0.00
C ALA A 193 10.06 10.69 -0.78
N GLY A 194 9.89 9.38 -0.55
CA GLY A 194 8.90 8.60 -1.25
C GLY A 194 7.46 9.03 -0.97
N LEU A 195 7.20 9.52 0.24
CA LEU A 195 5.90 10.10 0.56
C LEU A 195 5.76 11.44 -0.16
N LYS A 196 6.86 12.16 -0.29
CA LYS A 196 6.88 13.44 -0.99
C LYS A 196 6.68 13.25 -2.47
N ASP A 197 7.16 12.13 -3.00
CA ASP A 197 6.85 11.73 -4.35
C ASP A 197 5.33 11.62 -4.51
N GLN A 198 4.69 10.91 -3.58
CA GLN A 198 3.23 10.80 -3.59
C GLN A 198 2.49 12.15 -3.56
N VAL A 199 2.92 13.05 -2.68
CA VAL A 199 2.41 14.41 -2.64
C VAL A 199 2.49 15.08 -4.02
N MET A 200 3.70 15.15 -4.58
CA MET A 200 3.88 15.77 -5.89
C MET A 200 3.02 15.12 -6.99
N ALA A 201 2.81 13.81 -6.91
CA ALA A 201 1.99 13.13 -7.90
C ALA A 201 0.49 13.44 -7.71
N LEU A 202 0.09 13.59 -6.45
CA LEU A 202 -1.29 13.97 -6.13
C LEU A 202 -1.57 15.35 -6.69
N ARG A 203 -0.66 16.28 -6.43
CA ARG A 203 -0.77 17.65 -6.93
C ARG A 203 -0.88 17.67 -8.44
N TRP A 204 -0.07 16.85 -9.11
CA TRP A 204 -0.15 16.73 -10.56
C TRP A 204 -1.54 16.29 -10.98
N ILE A 205 -2.08 15.32 -10.25
CA ILE A 205 -3.36 14.73 -10.61
C ILE A 205 -4.49 15.76 -10.47
N LYS A 206 -4.45 16.55 -9.41
CA LYS A 206 -5.43 17.62 -9.20
C LYS A 206 -5.40 18.63 -10.34
N ASN A 207 -4.21 18.98 -10.80
CA ASN A 207 -4.06 20.04 -11.79
C ASN A 207 -4.12 19.56 -13.24
N ASN A 208 -4.23 18.25 -13.44
CA ASN A 208 -4.20 17.70 -14.80
C ASN A 208 -5.26 16.67 -15.19
N CYS A 209 -6.02 16.17 -14.23
CA CYS A 209 -6.96 15.08 -14.51
C CYS A 209 -8.13 15.53 -15.38
N ALA A 210 -8.45 16.82 -15.35
CA ALA A 210 -9.52 17.35 -16.19
C ALA A 210 -9.19 17.06 -17.66
N ASN A 211 -7.93 17.25 -18.02
CA ASN A 211 -7.47 17.03 -19.38
C ASN A 211 -7.56 15.59 -19.85
N PHE A 212 -8.07 14.71 -18.99
CA PHE A 212 -8.26 13.31 -19.35
C PHE A 212 -9.70 12.90 -19.13
N GLY A 213 -10.51 13.86 -18.70
CA GLY A 213 -11.93 13.63 -18.54
C GLY A 213 -12.33 13.44 -17.09
N GLY A 214 -11.35 13.60 -16.18
CA GLY A 214 -11.61 13.43 -14.77
C GLY A 214 -12.05 14.70 -14.06
N ASN A 215 -12.96 14.54 -13.11
CA ASN A 215 -13.38 15.63 -12.24
C ASN A 215 -12.37 15.86 -11.12
N PRO A 216 -11.73 17.04 -11.11
CA PRO A 216 -10.73 17.33 -10.08
C PRO A 216 -11.36 17.69 -8.75
N ASP A 217 -12.69 17.74 -8.72
CA ASP A 217 -13.42 17.96 -7.48
C ASP A 217 -13.96 16.65 -6.91
N ASN A 218 -13.64 15.54 -7.57
CA ASN A 218 -14.06 14.22 -7.10
C ASN A 218 -12.96 13.17 -7.24
N ILE A 219 -12.00 13.24 -6.33
CA ILE A 219 -10.81 12.39 -6.39
C ILE A 219 -10.74 11.44 -5.19
N THR A 220 -10.53 10.17 -5.48
CA THR A 220 -10.39 9.15 -4.44
C THR A 220 -9.00 8.55 -4.48
N VAL A 221 -8.32 8.50 -3.33
CA VAL A 221 -7.01 7.84 -3.25
C VAL A 221 -7.21 6.53 -2.50
N PHE A 222 -6.64 5.45 -3.02
CA PHE A 222 -6.72 4.15 -2.34
C PHE A 222 -5.42 3.39 -2.53
N GLY A 223 -5.15 2.45 -1.64
CA GLY A 223 -3.94 1.66 -1.69
C GLY A 223 -4.08 0.49 -0.75
N GLU A 224 -3.24 -0.52 -0.96
CA GLU A 224 -3.26 -1.74 -0.18
C GLU A 224 -1.93 -1.92 0.53
N SER A 225 -1.92 -2.39 1.78
CA SER A 225 -0.65 -2.50 2.52
C SER A 225 0.10 -1.21 2.75
N ALA A 226 1.38 -1.19 2.35
CA ALA A 226 2.17 0.03 2.45
C ALA A 226 1.45 1.15 1.66
N GLY A 227 0.72 0.76 0.62
CA GLY A 227 -0.12 1.64 -0.15
C GLY A 227 -1.30 2.17 0.63
N ALA A 228 -1.84 1.37 1.56
CA ALA A 228 -2.87 1.88 2.46
C ALA A 228 -2.26 2.78 3.52
N ALA A 229 -1.10 2.40 4.06
CA ALA A 229 -0.39 3.27 4.99
C ALA A 229 -0.12 4.62 4.29
N SER A 230 0.30 4.55 3.03
CA SER A 230 0.61 5.75 2.25
C SER A 230 -0.63 6.61 2.04
N THR A 231 -1.74 5.97 1.64
CA THR A 231 -2.99 6.70 1.41
C THR A 231 -3.37 7.47 2.68
N HIS A 232 -3.25 6.80 3.82
CA HIS A 232 -3.57 7.42 5.10
C HIS A 232 -2.63 8.57 5.41
N TYR A 233 -1.33 8.36 5.20
CA TYR A 233 -0.40 9.47 5.32
C TYR A 233 -0.80 10.65 4.44
N MET A 234 -1.34 10.38 3.24
CA MET A 234 -1.79 11.48 2.37
C MET A 234 -3.06 12.16 2.92
N MET A 235 -3.76 11.45 3.81
CA MET A 235 -4.93 12.02 4.51
C MET A 235 -4.53 12.75 5.79
N LEU A 236 -3.34 12.46 6.30
CA LEU A 236 -2.88 13.07 7.53
C LEU A 236 -2.07 14.36 7.34
N THR A 237 -1.24 14.40 6.29
CA THR A 237 -0.32 15.53 6.12
C THR A 237 -1.04 16.78 5.64
N GLU A 238 -0.57 17.93 6.13
CA GLU A 238 -1.08 19.23 5.71
C GLU A 238 -0.78 19.52 4.25
N GLN A 239 0.29 18.91 3.75
CA GLN A 239 0.76 19.16 2.38
C GLN A 239 -0.29 18.91 1.31
N THR A 240 -1.29 18.09 1.64
CA THR A 240 -2.23 17.59 0.64
C THR A 240 -3.67 18.06 0.87
N ARG A 241 -3.87 18.89 1.89
CA ARG A 241 -5.20 19.31 2.32
C ARG A 241 -6.15 19.67 1.16
N GLY A 242 -7.30 19.00 1.11
CA GLY A 242 -8.29 19.24 0.07
C GLY A 242 -7.99 18.76 -1.34
N LEU A 243 -6.86 18.07 -1.54
CA LEU A 243 -6.53 17.58 -2.86
C LEU A 243 -7.46 16.44 -3.28
N PHE A 244 -7.99 15.69 -2.32
CA PHE A 244 -8.92 14.64 -2.71
C PHE A 244 -10.07 14.53 -1.72
N HIS A 245 -11.04 13.68 -2.02
CA HIS A 245 -12.34 13.79 -1.38
C HIS A 245 -12.90 12.51 -0.81
N ARG A 246 -12.26 11.39 -1.12
CA ARG A 246 -12.54 10.11 -0.49
C ARG A 246 -11.23 9.36 -0.26
N GLY A 247 -11.18 8.48 0.74
CA GLY A 247 -10.03 7.62 0.91
C GLY A 247 -10.43 6.20 1.23
N ILE A 248 -9.70 5.24 0.64
CA ILE A 248 -9.92 3.83 0.93
C ILE A 248 -8.64 3.16 1.44
N LEU A 249 -8.69 2.58 2.63
CA LEU A 249 -7.51 1.98 3.23
C LEU A 249 -7.67 0.46 3.27
N MET A 250 -6.96 -0.20 2.38
CA MET A 250 -7.01 -1.66 2.22
C MET A 250 -5.87 -2.34 2.96
N SER A 251 -6.24 -2.99 4.07
CA SER A 251 -5.34 -3.75 4.91
C SER A 251 -4.11 -2.95 5.34
N GLY A 252 -4.36 -1.82 5.99
CA GLY A 252 -3.27 -1.02 6.53
C GLY A 252 -3.70 0.41 6.83
N ASN A 253 -2.89 1.09 7.65
CA ASN A 253 -3.07 2.51 7.88
C ASN A 253 -1.79 3.05 8.51
N ALA A 254 -1.78 4.35 8.82
CA ALA A 254 -0.53 5.04 9.15
C ALA A 254 -0.13 4.84 10.59
N ILE A 255 -1.02 4.25 11.39
CA ILE A 255 -0.63 4.02 12.77
C ILE A 255 -0.38 2.54 13.04
N CYS A 256 -0.40 1.73 11.98
CA CYS A 256 0.16 0.38 12.09
C CYS A 256 1.60 0.45 12.61
N PRO A 257 1.99 -0.50 13.48
CA PRO A 257 3.32 -0.42 14.09
C PRO A 257 4.44 -0.50 13.05
N TRP A 258 4.12 -1.17 11.96
CA TRP A 258 5.04 -1.39 10.87
C TRP A 258 5.12 -0.20 9.91
N ALA A 259 4.27 0.80 10.07
CA ALA A 259 4.09 1.82 9.03
C ALA A 259 5.01 3.01 9.20
N ASN A 260 5.80 2.99 10.27
CA ASN A 260 6.68 4.10 10.61
C ASN A 260 7.89 3.57 11.36
N THR A 261 9.06 4.16 11.11
CA THR A 261 10.27 3.72 11.79
C THR A 261 11.22 4.89 11.98
N GLN A 262 11.94 4.90 13.09
CA GLN A 262 12.98 5.90 13.27
C GLN A 262 14.26 5.28 12.72
N CYS A 263 14.69 5.79 11.58
CA CYS A 263 15.72 5.10 10.82
C CYS A 263 16.99 5.98 10.64
N GLN A 264 17.09 7.06 11.39
CA GLN A 264 18.14 8.06 11.15
C GLN A 264 19.54 7.51 11.42
N HIS A 265 19.62 6.48 12.25
CA HIS A 265 20.87 5.83 12.58
C HIS A 265 21.29 4.76 11.57
N ARG A 266 20.40 4.37 10.66
CA ARG A 266 20.67 3.21 9.81
C ARG A 266 21.38 3.56 8.51
N ALA A 267 21.52 4.86 8.22
CA ALA A 267 22.19 5.25 6.99
C ALA A 267 23.65 4.89 7.14
N PHE A 268 24.21 5.12 8.33
CA PHE A 268 25.60 4.74 8.62
C PHE A 268 25.77 3.24 8.44
N THR A 269 24.91 2.44 9.06
CA THR A 269 24.93 1.00 8.86
C THR A 269 24.93 0.59 7.38
N LEU A 270 24.06 1.21 6.59
CA LEU A 270 24.00 0.92 5.15
C LEU A 270 25.32 1.27 4.45
N ALA A 271 25.82 2.46 4.72
CA ALA A 271 27.12 2.86 4.21
C ALA A 271 28.19 1.83 4.59
N LYS A 272 28.19 1.40 5.86
CA LYS A 272 29.22 0.45 6.29
C LYS A 272 29.09 -0.89 5.58
N LEU A 273 27.86 -1.35 5.35
CA LEU A 273 27.62 -2.56 4.58
C LEU A 273 28.16 -2.40 3.16
N ALA A 274 28.10 -1.17 2.64
CA ALA A 274 28.49 -0.90 1.27
C ALA A 274 29.99 -0.57 1.17
N GLY A 275 30.68 -0.51 2.31
CA GLY A 275 32.14 -0.43 2.28
C GLY A 275 32.69 0.93 2.66
N TYR A 276 31.84 1.74 3.29
CA TYR A 276 32.26 3.05 3.74
C TYR A 276 33.39 2.93 4.79
N LYS A 277 34.43 3.75 4.62
CA LYS A 277 35.54 3.83 5.58
C LYS A 277 35.61 5.22 6.17
N GLY A 278 35.52 5.33 7.48
CA GLY A 278 35.52 6.61 8.16
C GLY A 278 34.61 6.60 9.37
N GLU A 279 34.41 7.77 9.96
CA GLU A 279 33.62 7.89 11.18
C GLU A 279 32.15 8.12 10.91
N ASP A 280 31.32 7.89 11.92
CA ASP A 280 29.89 8.15 11.78
C ASP A 280 29.63 9.64 11.76
N ASN A 281 29.38 10.13 10.56
CA ASN A 281 29.21 11.54 10.32
C ASN A 281 28.21 11.63 9.17
N ASP A 282 27.09 12.31 9.40
CA ASP A 282 26.02 12.33 8.41
C ASP A 282 26.52 12.87 7.08
N LYS A 283 27.29 13.96 7.11
CA LYS A 283 27.82 14.53 5.87
C LYS A 283 28.61 13.47 5.11
N ASP A 284 29.48 12.78 5.82
CA ASP A 284 30.41 11.83 5.18
C ASP A 284 29.70 10.59 4.68
N VAL A 285 28.71 10.16 5.47
CA VAL A 285 27.90 9.02 5.11
C VAL A 285 27.09 9.33 3.86
N LEU A 286 26.46 10.49 3.83
CA LEU A 286 25.69 10.90 2.67
C LEU A 286 26.55 10.96 1.41
N GLU A 287 27.71 11.61 1.49
CA GLU A 287 28.61 11.66 0.32
C GLU A 287 28.92 10.27 -0.21
N PHE A 288 29.27 9.33 0.67
CA PHE A 288 29.46 7.95 0.26
C PHE A 288 28.22 7.36 -0.42
N LEU A 289 27.05 7.54 0.19
CA LEU A 289 25.83 6.91 -0.31
C LEU A 289 25.41 7.52 -1.66
N MET A 290 25.72 8.80 -1.84
CA MET A 290 25.42 9.52 -3.07
C MET A 290 26.17 8.95 -4.29
N LYS A 291 27.34 8.37 -4.08
CA LYS A 291 28.17 7.90 -5.18
C LYS A 291 28.00 6.41 -5.41
N ALA A 292 27.42 5.71 -4.44
CA ALA A 292 27.28 4.25 -4.55
C ALA A 292 26.38 3.88 -5.70
N LYS A 293 26.59 2.69 -6.26
CA LYS A 293 25.66 2.19 -7.27
C LYS A 293 24.33 1.95 -6.58
N PRO A 294 23.22 2.29 -7.26
CA PRO A 294 21.89 2.14 -6.64
C PRO A 294 21.58 0.69 -6.33
N GLN A 295 21.94 -0.21 -7.23
CA GLN A 295 21.63 -1.63 -7.04
C GLN A 295 22.37 -2.19 -5.83
N ASP A 296 23.51 -1.59 -5.48
CA ASP A 296 24.29 -2.08 -4.36
C ASP A 296 23.60 -1.74 -3.04
N LEU A 297 23.14 -0.50 -2.93
CA LEU A 297 22.45 -0.06 -1.72
C LEU A 297 21.21 -0.91 -1.48
N ILE A 298 20.38 -1.01 -2.52
CA ILE A 298 19.16 -1.78 -2.44
C ILE A 298 19.40 -3.26 -2.10
N LYS A 299 20.42 -3.91 -2.64
CA LYS A 299 20.60 -5.32 -2.26
C LYS A 299 21.11 -5.48 -0.83
N LEU A 300 21.87 -4.49 -0.36
CA LEU A 300 22.42 -4.56 0.99
C LEU A 300 21.40 -4.15 2.03
N GLU A 301 20.28 -3.59 1.58
CA GLU A 301 19.26 -3.13 2.51
C GLU A 301 18.74 -4.22 3.44
N GLU A 302 18.71 -5.45 2.95
CA GLU A 302 18.17 -6.54 3.74
C GLU A 302 19.07 -6.96 4.90
N LYS A 303 20.28 -6.41 4.98
CA LYS A 303 21.16 -6.72 6.09
C LYS A 303 21.19 -5.62 7.14
N VAL A 304 20.45 -4.54 6.92
CA VAL A 304 20.59 -3.38 7.80
C VAL A 304 19.99 -3.58 9.19
N LEU A 305 18.78 -4.13 9.26
CA LEU A 305 18.12 -4.34 10.56
C LEU A 305 18.95 -5.22 11.50
N THR A 306 19.04 -4.80 12.75
CA THR A 306 19.76 -5.58 13.74
C THR A 306 18.91 -6.76 14.20
N LEU A 307 19.50 -7.63 15.01
CA LEU A 307 18.77 -8.76 15.54
C LEU A 307 17.67 -8.28 16.46
N GLU A 308 17.99 -7.27 17.26
CA GLU A 308 17.03 -6.70 18.19
C GLU A 308 15.87 -6.08 17.43
N GLU A 309 16.18 -5.31 16.38
CA GLU A 309 15.12 -4.71 15.58
C GLU A 309 14.19 -5.74 14.92
N ARG A 310 14.74 -6.86 14.43
CA ARG A 310 13.93 -7.89 13.77
C ARG A 310 13.01 -8.60 14.76
N THR A 311 13.54 -8.80 15.97
CA THR A 311 12.78 -9.42 17.04
C THR A 311 11.59 -8.54 17.45
N ASN A 312 11.81 -7.24 17.43
CA ASN A 312 10.78 -6.28 17.78
C ASN A 312 9.84 -5.92 16.63
N LYS A 313 9.94 -6.71 15.55
CA LYS A 313 9.02 -6.67 14.40
C LYS A 313 9.13 -5.41 13.54
N VAL A 314 10.33 -4.86 13.40
CA VAL A 314 10.58 -3.82 12.42
C VAL A 314 10.60 -4.43 11.02
N MET A 315 9.78 -3.92 10.11
CA MET A 315 9.52 -4.63 8.86
C MET A 315 10.33 -4.12 7.68
N PHE A 316 11.02 -3.01 7.89
CA PHE A 316 11.91 -2.45 6.88
C PHE A 316 12.91 -1.53 7.54
N PRO A 317 14.13 -1.48 7.00
CA PRO A 317 15.16 -0.59 7.53
C PRO A 317 14.86 0.88 7.25
N PHE A 318 14.35 1.16 6.06
CA PHE A 318 14.07 2.52 5.66
C PHE A 318 12.61 2.67 5.25
N GLY A 319 11.89 3.54 5.92
CA GLY A 319 10.47 3.72 5.62
C GLY A 319 10.03 5.08 6.09
N PRO A 320 8.71 5.32 6.13
CA PRO A 320 8.19 6.57 6.68
C PRO A 320 8.69 6.81 8.09
N THR A 321 8.99 8.08 8.39
CA THR A 321 9.67 8.43 9.60
C THR A 321 9.16 9.79 10.04
N VAL A 322 9.32 10.11 11.32
CA VAL A 322 9.06 11.47 11.76
C VAL A 322 10.32 12.27 11.42
N GLU A 323 10.15 13.30 10.62
CA GLU A 323 11.29 14.06 10.10
C GLU A 323 11.94 14.87 11.22
N PRO A 324 13.29 14.82 11.31
CA PRO A 324 13.99 15.43 12.45
C PRO A 324 13.99 16.96 12.47
N TYR A 325 13.59 17.59 11.36
CA TYR A 325 13.44 19.03 11.31
C TYR A 325 12.42 19.32 10.23
N GLN A 326 11.79 20.48 10.28
CA GLN A 326 10.81 20.79 9.25
C GLN A 326 11.44 21.51 8.07
N THR A 327 10.86 21.26 6.90
CA THR A 327 11.31 21.87 5.66
C THR A 327 10.07 22.28 4.94
N ALA A 328 10.22 22.95 3.80
CA ALA A 328 9.06 23.35 3.01
C ALA A 328 8.22 22.16 2.57
N ASP A 329 8.86 21.01 2.38
CA ASP A 329 8.16 19.87 1.80
C ASP A 329 7.92 18.76 2.81
N CYS A 330 8.16 19.06 4.08
CA CYS A 330 7.95 18.12 5.19
C CYS A 330 6.54 17.49 5.16
N VAL A 331 6.49 16.16 5.23
CA VAL A 331 5.22 15.45 5.18
C VAL A 331 4.81 15.00 6.58
N LEU A 332 5.77 14.47 7.34
CA LEU A 332 5.48 13.98 8.70
C LEU A 332 6.27 14.72 9.76
N PRO A 333 5.70 15.79 10.32
CA PRO A 333 6.45 16.56 11.33
C PRO A 333 6.33 16.00 12.74
N LYS A 334 5.41 15.06 12.97
CA LYS A 334 5.18 14.47 14.29
C LYS A 334 4.82 13.00 14.13
N HIS A 335 4.73 12.27 15.24
N HIS A 335 4.73 12.27 15.24
CA HIS A 335 4.26 10.88 15.21
CA HIS A 335 4.24 10.90 15.21
C HIS A 335 2.87 10.80 14.58
C HIS A 335 2.88 10.85 14.52
N PRO A 336 2.64 9.79 13.73
CA PRO A 336 1.36 9.61 13.03
C PRO A 336 0.13 9.74 13.95
N ARG A 337 0.22 9.23 15.17
CA ARG A 337 -0.90 9.33 16.11
C ARG A 337 -1.25 10.79 16.45
N GLU A 338 -0.23 11.61 16.66
CA GLU A 338 -0.43 13.04 16.90
C GLU A 338 -1.03 13.73 15.68
N MET A 339 -0.58 13.34 14.49
CA MET A 339 -1.09 13.94 13.26
C MET A 339 -2.58 13.65 13.02
N VAL A 340 -3.04 12.50 13.49
CA VAL A 340 -4.46 12.15 13.35
C VAL A 340 -5.32 13.23 14.03
N LYS A 341 -4.79 13.80 15.12
CA LYS A 341 -5.55 14.75 15.92
C LYS A 341 -6.11 15.93 15.14
N THR A 342 -5.35 16.41 14.16
CA THR A 342 -5.82 17.56 13.36
C THR A 342 -5.92 17.24 11.88
N ALA A 343 -5.83 15.96 11.53
CA ALA A 343 -5.80 15.55 10.13
C ALA A 343 -7.04 16.00 9.36
N TRP A 344 -6.81 16.75 8.28
CA TRP A 344 -7.90 17.14 7.39
C TRP A 344 -8.67 15.95 6.82
N GLY A 345 -7.96 14.83 6.62
CA GLY A 345 -8.57 13.65 6.02
C GLY A 345 -9.51 12.92 6.96
N ASN A 346 -9.48 13.31 8.23
CA ASN A 346 -10.49 12.88 9.20
C ASN A 346 -11.90 13.27 8.75
N SER A 347 -11.98 14.24 7.84
CA SER A 347 -13.26 14.82 7.46
C SER A 347 -13.60 14.59 6.00
N ILE A 348 -13.12 13.49 5.45
CA ILE A 348 -13.61 13.04 4.15
C ILE A 348 -14.13 11.62 4.33
N PRO A 349 -15.12 11.23 3.51
CA PRO A 349 -15.65 9.87 3.55
C PRO A 349 -14.54 8.85 3.39
N THR A 350 -14.53 7.82 4.25
CA THR A 350 -13.44 6.85 4.34
C THR A 350 -13.99 5.42 4.38
N MET A 351 -13.32 4.52 3.67
CA MET A 351 -13.64 3.10 3.75
C MET A 351 -12.38 2.37 4.13
N MET A 352 -12.51 1.45 5.09
CA MET A 352 -11.39 0.65 5.60
C MET A 352 -11.75 -0.82 5.56
N GLY A 353 -10.77 -1.70 5.38
CA GLY A 353 -11.13 -3.10 5.48
C GLY A 353 -9.94 -4.02 5.49
N ASN A 354 -10.20 -5.28 5.79
CA ASN A 354 -9.16 -6.30 5.84
C ASN A 354 -9.69 -7.58 5.22
N THR A 355 -8.79 -8.50 4.88
CA THR A 355 -9.21 -9.82 4.40
C THR A 355 -9.55 -10.70 5.62
N SER A 356 -10.19 -11.85 5.37
CA SER A 356 -10.65 -12.70 6.46
C SER A 356 -9.58 -13.61 7.08
N TYR A 357 -8.40 -13.70 6.47
CA TYR A 357 -7.26 -14.40 7.08
C TYR A 357 -5.96 -13.73 6.67
N GLU A 358 -5.81 -12.45 7.01
CA GLU A 358 -4.64 -11.66 6.59
C GLU A 358 -3.32 -12.37 6.79
N GLY A 359 -3.13 -12.90 7.98
CA GLY A 359 -1.85 -13.44 8.42
C GLY A 359 -1.36 -14.65 7.66
N LEU A 360 -2.21 -15.26 6.86
CA LEU A 360 -1.78 -16.35 5.99
C LEU A 360 -0.65 -15.92 5.06
N PHE A 361 -0.58 -14.61 4.83
CA PHE A 361 0.50 -13.96 4.08
C PHE A 361 1.90 -14.34 4.60
N PHE A 362 2.01 -14.66 5.88
CA PHE A 362 3.33 -14.87 6.47
C PHE A 362 3.80 -16.32 6.41
N THR A 363 3.07 -17.14 5.65
CA THR A 363 3.40 -18.55 5.48
C THR A 363 4.85 -18.79 5.06
N SER A 364 5.30 -18.13 4.01
CA SER A 364 6.65 -18.39 3.47
C SER A 364 7.74 -17.93 4.45
N ILE A 365 7.51 -16.81 5.12
CA ILE A 365 8.40 -16.36 6.19
C ILE A 365 8.45 -17.39 7.31
N LEU A 366 7.28 -17.86 7.71
CA LEU A 366 7.18 -18.87 8.76
C LEU A 366 7.91 -20.14 8.37
N LYS A 367 7.79 -20.52 7.09
CA LYS A 367 8.43 -21.73 6.61
C LYS A 367 9.94 -21.65 6.73
N GLN A 368 10.50 -20.47 6.46
CA GLN A 368 11.95 -20.31 6.50
C GLN A 368 12.47 -20.16 7.92
N MET A 369 11.62 -19.65 8.80
CA MET A 369 11.98 -19.42 10.19
C MET A 369 10.98 -20.07 11.15
N PRO A 370 10.93 -21.41 11.19
CA PRO A 370 9.94 -22.18 11.97
C PRO A 370 9.94 -21.85 13.46
N LEU A 371 11.10 -21.45 14.00
CA LEU A 371 11.18 -21.13 15.42
C LEU A 371 10.27 -19.96 15.81
N LEU A 372 9.82 -19.17 14.83
CA LEU A 372 8.94 -18.04 15.10
C LEU A 372 7.68 -18.46 15.86
N VAL A 373 7.23 -19.69 15.64
CA VAL A 373 6.01 -20.16 16.29
C VAL A 373 6.18 -20.22 17.81
N LYS A 374 7.42 -20.38 18.26
CA LYS A 374 7.70 -20.45 19.69
C LYS A 374 7.50 -19.10 20.39
N GLU A 375 7.53 -18.02 19.61
CA GLU A 375 7.17 -16.71 20.17
C GLU A 375 5.77 -16.71 20.82
N LEU A 376 4.92 -17.67 20.49
CA LEU A 376 3.56 -17.68 21.04
C LEU A 376 3.46 -18.42 22.36
N GLU A 377 4.59 -18.95 22.82
CA GLU A 377 4.62 -19.59 24.13
C GLU A 377 4.28 -18.56 25.19
N THR A 378 4.74 -17.32 25.02
CA THR A 378 4.37 -16.23 25.94
C THR A 378 3.80 -15.02 25.22
N CYS A 379 4.01 -14.96 23.91
CA CYS A 379 3.54 -13.84 23.08
C CYS A 379 4.14 -12.49 23.46
N VAL A 380 5.25 -12.47 24.21
CA VAL A 380 5.78 -11.19 24.68
C VAL A 380 6.29 -10.36 23.50
N ASN A 381 6.77 -11.00 22.44
CA ASN A 381 7.31 -10.24 21.32
C ASN A 381 6.22 -9.53 20.52
N PHE A 382 4.97 -9.88 20.75
CA PHE A 382 3.88 -9.21 20.03
C PHE A 382 3.17 -8.12 20.83
N VAL A 383 3.53 -7.97 22.10
CA VAL A 383 3.00 -6.86 22.89
C VAL A 383 3.44 -5.54 22.24
N PRO A 384 2.52 -4.59 22.04
CA PRO A 384 2.86 -3.28 21.46
C PRO A 384 4.13 -2.72 22.11
N SER A 385 5.10 -2.32 21.29
CA SER A 385 6.39 -1.95 21.85
C SER A 385 6.30 -0.81 22.86
N GLU A 386 5.35 0.10 22.68
CA GLU A 386 5.22 1.20 23.63
C GLU A 386 4.87 0.72 25.04
N LEU A 387 4.21 -0.44 25.14
CA LEU A 387 3.88 -1.05 26.44
C LEU A 387 4.96 -2.01 26.97
N ALA A 388 5.78 -2.58 26.09
CA ALA A 388 6.65 -3.66 26.52
C ALA A 388 7.99 -3.13 27.03
N ASP A 389 8.63 -3.85 27.95
CA ASP A 389 9.98 -3.48 28.36
C ASP A 389 10.99 -3.94 27.31
N ALA A 390 12.22 -3.48 27.45
CA ALA A 390 13.21 -3.69 26.41
C ALA A 390 13.50 -5.18 26.19
N GLU A 391 13.77 -5.92 27.26
CA GLU A 391 14.13 -7.33 27.12
C GLU A 391 12.89 -8.21 27.03
N ARG A 392 11.74 -7.57 27.22
CA ARG A 392 10.41 -8.22 27.26
C ARG A 392 10.33 -9.32 28.32
N THR A 393 10.98 -9.06 29.47
CA THR A 393 10.98 -9.98 30.61
C THR A 393 10.20 -9.49 31.85
N ALA A 394 9.71 -8.25 31.82
CA ALA A 394 8.99 -7.71 32.97
C ALA A 394 7.69 -8.48 33.19
N PRO A 395 7.29 -8.67 34.47
CA PRO A 395 6.06 -9.42 34.73
C PRO A 395 4.83 -8.79 34.06
N GLU A 396 4.83 -7.46 33.96
CA GLU A 396 3.74 -6.75 33.29
C GLU A 396 3.69 -7.17 31.83
N THR A 397 4.87 -7.33 31.24
CA THR A 397 4.92 -7.72 29.84
C THR A 397 4.45 -9.15 29.64
N LEU A 398 4.82 -10.02 30.57
CA LEU A 398 4.35 -11.40 30.53
C LEU A 398 2.82 -11.43 30.65
N GLU A 399 2.28 -10.58 31.52
CA GLU A 399 0.83 -10.46 31.68
C GLU A 399 0.15 -9.99 30.41
N MET A 400 0.74 -9.00 29.74
CA MET A 400 0.16 -8.45 28.52
C MET A 400 0.20 -9.50 27.41
N GLY A 401 1.29 -10.27 27.38
CA GLY A 401 1.47 -11.30 26.36
C GLY A 401 0.46 -12.39 26.56
N ALA A 402 0.14 -12.66 27.83
CA ALA A 402 -0.84 -13.70 28.16
C ALA A 402 -2.22 -13.34 27.62
N LYS A 403 -2.52 -12.05 27.56
CA LYS A 403 -3.78 -11.62 26.97
C LYS A 403 -3.84 -11.95 25.48
N ILE A 404 -2.74 -11.73 24.78
CA ILE A 404 -2.64 -12.08 23.37
C ILE A 404 -2.71 -13.58 23.19
N LYS A 405 -2.00 -14.30 24.05
CA LYS A 405 -1.92 -15.75 23.97
C LYS A 405 -3.30 -16.37 24.10
N LYS A 406 -4.07 -15.87 25.06
CA LYS A 406 -5.42 -16.38 25.28
C LYS A 406 -6.33 -16.09 24.09
N ALA A 407 -5.98 -15.08 23.30
CA ALA A 407 -6.79 -14.70 22.15
C ALA A 407 -6.57 -15.59 20.93
N HIS A 408 -5.40 -16.21 20.82
CA HIS A 408 -5.04 -16.90 19.57
C HIS A 408 -4.51 -18.32 19.73
N VAL A 409 -4.04 -18.66 20.91
CA VAL A 409 -3.48 -20.00 21.08
C VAL A 409 -4.60 -20.97 21.46
N THR A 410 -4.83 -21.95 20.61
CA THR A 410 -6.01 -22.82 20.72
C THR A 410 -5.71 -24.13 21.48
N GLY A 411 -4.46 -24.58 21.48
CA GLY A 411 -4.09 -25.77 22.22
C GLY A 411 -3.07 -25.52 23.32
N GLU A 412 -2.44 -26.58 23.82
CA GLU A 412 -1.42 -26.46 24.87
C GLU A 412 -0.13 -25.90 24.25
N THR A 413 0.07 -26.20 22.96
CA THR A 413 1.22 -25.69 22.24
C THR A 413 0.72 -24.90 21.03
N PRO A 414 1.26 -23.69 20.83
CA PRO A 414 0.89 -22.90 19.66
C PRO A 414 1.28 -23.57 18.35
N THR A 415 0.47 -23.37 17.32
CA THR A 415 0.68 -23.94 16.01
C THR A 415 1.00 -22.85 14.99
N ALA A 416 1.35 -23.27 13.78
CA ALA A 416 1.56 -22.36 12.65
C ALA A 416 0.35 -21.46 12.42
N ASP A 417 -0.86 -22.01 12.59
CA ASP A 417 -2.02 -21.20 12.28
C ASP A 417 -2.39 -20.27 13.41
N ASN A 418 -1.98 -20.63 14.64
CA ASN A 418 -2.21 -19.70 15.73
C ASN A 418 -1.36 -18.48 15.43
N PHE A 419 -0.15 -18.73 14.93
CA PHE A 419 0.80 -17.67 14.63
C PHE A 419 0.21 -16.73 13.58
N MET A 420 -0.39 -17.28 12.55
CA MET A 420 -0.83 -16.43 11.45
C MET A 420 -2.12 -15.69 11.81
N ASP A 421 -2.95 -16.32 12.64
CA ASP A 421 -4.13 -15.62 13.17
C ASP A 421 -3.74 -14.41 14.02
N LEU A 422 -2.76 -14.61 14.90
CA LEU A 422 -2.23 -13.51 15.71
C LEU A 422 -1.67 -12.41 14.81
N CYS A 423 -0.95 -12.80 13.76
CA CYS A 423 -0.42 -11.83 12.82
C CYS A 423 -1.52 -10.96 12.20
N SER A 424 -2.68 -11.55 11.95
CA SER A 424 -3.79 -10.77 11.41
C SER A 424 -4.10 -9.58 12.31
N HIS A 425 -4.05 -9.81 13.61
CA HIS A 425 -4.40 -8.76 14.55
C HIS A 425 -3.27 -7.78 14.82
N PHE A 426 -2.07 -8.29 15.02
CA PHE A 426 -0.89 -7.45 15.29
C PHE A 426 -0.70 -6.46 14.18
N TYR A 427 -0.75 -6.96 12.95
CA TYR A 427 -0.44 -6.11 11.81
C TYR A 427 -1.63 -5.32 11.29
N PHE A 428 -2.84 -5.84 11.43
CA PHE A 428 -3.96 -5.22 10.72
C PHE A 428 -5.17 -4.86 11.58
N TRP A 429 -5.79 -5.84 12.23
CA TRP A 429 -7.05 -5.54 12.90
C TRP A 429 -6.91 -4.64 14.12
N PHE A 430 -5.86 -4.86 14.93
CA PHE A 430 -5.72 -4.07 16.14
C PHE A 430 -5.39 -2.60 15.80
N PRO A 431 -4.41 -2.35 14.90
CA PRO A 431 -4.20 -0.96 14.46
C PRO A 431 -5.44 -0.33 13.81
N MET A 432 -6.29 -1.11 13.13
CA MET A 432 -7.53 -0.54 12.58
C MET A 432 -8.40 -0.02 13.71
N HIS A 433 -8.59 -0.88 14.71
CA HIS A 433 -9.39 -0.52 15.89
C HIS A 433 -8.83 0.74 16.57
N ARG A 434 -7.50 0.82 16.72
CA ARG A 434 -6.93 1.98 17.43
C ARG A 434 -7.16 3.26 16.63
N LEU A 435 -6.99 3.18 15.32
CA LEU A 435 -7.27 4.32 14.44
C LEU A 435 -8.74 4.74 14.50
N LEU A 436 -9.66 3.78 14.38
CA LEU A 436 -11.07 4.13 14.40
C LEU A 436 -11.38 4.91 15.67
N GLN A 437 -10.90 4.41 16.80
CA GLN A 437 -11.15 5.05 18.08
C GLN A 437 -10.44 6.41 18.23
N LEU A 438 -9.19 6.50 17.76
CA LEU A 438 -8.48 7.76 17.83
C LEU A 438 -9.18 8.80 16.95
N ARG A 439 -9.59 8.38 15.76
CA ARG A 439 -10.19 9.29 14.80
C ARG A 439 -11.54 9.80 15.34
N PHE A 440 -12.29 8.93 16.00
CA PHE A 440 -13.61 9.29 16.53
C PHE A 440 -13.47 10.43 17.53
N ASN A 441 -12.30 10.54 18.16
CA ASN A 441 -12.08 11.59 19.15
C ASN A 441 -11.65 12.93 18.55
N HIS A 442 -11.51 13.00 17.23
CA HIS A 442 -11.02 14.21 16.57
C HIS A 442 -11.66 14.46 15.20
N THR A 443 -12.80 13.84 14.93
CA THR A 443 -13.38 13.93 13.58
C THR A 443 -14.60 14.83 13.43
N SER A 444 -14.80 15.28 12.20
CA SER A 444 -15.95 16.07 11.80
C SER A 444 -17.28 15.35 12.02
N GLY A 445 -17.25 14.02 12.01
CA GLY A 445 -18.48 13.25 12.06
C GLY A 445 -18.85 12.77 10.67
N THR A 446 -17.87 12.74 9.78
CA THR A 446 -18.04 12.15 8.45
C THR A 446 -17.93 10.62 8.56
N PRO A 447 -18.64 9.89 7.68
CA PRO A 447 -18.77 8.43 7.87
C PRO A 447 -17.52 7.63 7.51
N VAL A 448 -17.28 6.55 8.25
CA VAL A 448 -16.31 5.53 7.85
C VAL A 448 -17.02 4.18 7.72
N TYR A 449 -16.81 3.52 6.58
CA TYR A 449 -17.41 2.22 6.29
C TYR A 449 -16.38 1.10 6.35
N LEU A 450 -16.75 -0.03 6.93
CA LEU A 450 -15.86 -1.17 7.02
C LEU A 450 -16.26 -2.30 6.08
N TYR A 451 -15.28 -2.84 5.36
CA TYR A 451 -15.50 -4.07 4.61
C TYR A 451 -14.63 -5.20 5.18
N ARG A 452 -15.05 -6.43 4.91
CA ARG A 452 -14.26 -7.60 5.26
C ARG A 452 -14.22 -8.47 4.03
N PHE A 453 -13.04 -8.60 3.42
CA PHE A 453 -12.96 -9.33 2.18
C PHE A 453 -12.74 -10.80 2.45
N ASP A 454 -13.72 -11.60 2.02
CA ASP A 454 -13.84 -12.98 2.46
C ASP A 454 -14.13 -13.92 1.28
N PHE A 455 -13.62 -13.56 0.10
CA PHE A 455 -13.88 -14.36 -1.09
C PHE A 455 -12.65 -15.14 -1.46
N ASP A 456 -12.77 -16.46 -1.34
CA ASP A 456 -11.64 -17.38 -1.52
C ASP A 456 -11.76 -18.10 -2.87
N SER A 457 -10.73 -18.02 -3.70
CA SER A 457 -10.68 -18.79 -4.94
C SER A 457 -9.27 -19.20 -5.30
N GLU A 458 -9.14 -20.34 -5.99
CA GLU A 458 -7.86 -20.78 -6.49
C GLU A 458 -7.82 -20.67 -8.02
N ASP A 459 -8.98 -20.44 -8.62
CA ASP A 459 -9.10 -20.37 -10.08
C ASP A 459 -8.51 -19.11 -10.68
N LEU A 460 -8.55 -18.01 -9.93
CA LEU A 460 -7.93 -16.76 -10.36
C LEU A 460 -7.02 -16.22 -9.25
N ILE A 461 -5.77 -15.92 -9.58
CA ILE A 461 -4.79 -15.51 -8.57
C ILE A 461 -3.89 -14.34 -9.01
N ASN A 462 -3.05 -13.84 -8.11
CA ASN A 462 -2.05 -12.82 -8.49
C ASN A 462 -0.66 -13.24 -8.00
N PRO A 463 0.41 -12.61 -8.51
CA PRO A 463 1.79 -13.05 -8.21
C PRO A 463 2.16 -13.12 -6.73
N TYR A 464 1.51 -12.32 -5.88
CA TYR A 464 1.87 -12.33 -4.47
C TYR A 464 1.43 -13.64 -3.81
N ARG A 465 0.61 -14.42 -4.50
CA ARG A 465 0.23 -15.75 -4.02
C ARG A 465 1.44 -16.66 -3.91
N ILE A 466 2.37 -16.47 -4.83
CA ILE A 466 3.64 -17.18 -4.86
C ILE A 466 4.53 -16.78 -3.71
N MET A 467 4.67 -15.46 -3.54
CA MET A 467 5.37 -14.88 -2.39
C MET A 467 4.94 -15.56 -1.09
N ARG A 468 3.63 -15.68 -0.89
CA ARG A 468 3.12 -16.23 0.36
C ARG A 468 3.18 -17.76 0.35
N SER A 469 3.68 -18.34 -0.75
CA SER A 469 3.73 -19.79 -0.94
C SER A 469 2.35 -20.38 -0.65
N GLY A 470 1.33 -19.63 -1.05
CA GLY A 470 -0.05 -20.02 -0.85
C GLY A 470 -0.64 -20.59 -2.12
N ARG A 471 0.21 -21.26 -2.90
CA ARG A 471 -0.22 -21.96 -4.09
C ARG A 471 -0.93 -23.27 -3.68
N GLY A 472 -2.18 -23.14 -3.22
CA GLY A 472 -2.98 -24.27 -2.79
C GLY A 472 -3.34 -24.32 -1.31
N VAL A 473 -3.56 -23.15 -0.71
CA VAL A 473 -3.97 -23.08 0.70
C VAL A 473 -5.44 -22.68 0.79
N LYS A 474 -5.98 -22.57 2.01
CA LYS A 474 -7.39 -22.21 2.16
C LYS A 474 -7.67 -21.06 3.13
N GLY A 475 -8.12 -19.94 2.57
CA GLY A 475 -8.38 -18.74 3.35
C GLY A 475 -7.99 -17.53 2.54
N VAL A 476 -8.41 -16.35 2.98
CA VAL A 476 -8.20 -15.16 2.19
C VAL A 476 -7.09 -14.31 2.81
N SER A 477 -5.91 -14.47 2.24
CA SER A 477 -4.68 -13.86 2.71
C SER A 477 -4.55 -12.39 2.35
N HIS A 478 -3.74 -11.66 3.12
CA HIS A 478 -3.29 -10.33 2.71
C HIS A 478 -2.96 -10.32 1.21
N THR A 479 -3.46 -9.30 0.49
CA THR A 479 -3.26 -9.13 -0.99
C THR A 479 -4.13 -10.03 -1.88
N ASP A 480 -4.91 -10.94 -1.29
CA ASP A 480 -5.71 -11.85 -2.13
C ASP A 480 -6.80 -11.09 -2.89
N GLU A 481 -7.17 -9.93 -2.39
CA GLU A 481 -8.26 -9.15 -2.97
C GLU A 481 -7.84 -8.39 -4.22
N LEU A 482 -6.53 -8.14 -4.36
CA LEU A 482 -5.99 -7.38 -5.50
C LEU A 482 -6.36 -8.01 -6.85
N THR A 483 -6.53 -9.32 -6.82
CA THR A 483 -6.87 -10.14 -7.98
C THR A 483 -8.18 -9.68 -8.61
N TYR A 484 -9.08 -9.18 -7.79
CA TYR A 484 -10.41 -8.79 -8.25
C TYR A 484 -10.49 -7.30 -8.52
N PHE A 485 -9.34 -6.62 -8.48
CA PHE A 485 -9.29 -5.20 -8.78
C PHE A 485 -8.47 -4.92 -10.01
N PHE A 486 -7.39 -5.68 -10.16
CA PHE A 486 -6.42 -5.39 -11.19
C PHE A 486 -6.11 -6.61 -12.00
N TRP A 487 -5.95 -6.40 -13.30
CA TRP A 487 -5.41 -7.41 -14.17
C TRP A 487 -3.95 -7.63 -13.81
N ASN A 488 -3.47 -8.85 -14.01
CA ASN A 488 -2.05 -9.14 -13.85
C ASN A 488 -1.66 -10.24 -14.81
N GLN A 489 -0.37 -10.47 -14.98
CA GLN A 489 0.09 -11.40 -16.02
C GLN A 489 -0.19 -12.87 -15.70
N LEU A 490 -0.85 -13.14 -14.57
CA LEU A 490 -1.28 -14.50 -14.25
C LEU A 490 -2.81 -14.67 -14.34
N ALA A 491 -3.50 -13.59 -14.68
CA ALA A 491 -4.96 -13.61 -14.80
C ALA A 491 -5.46 -14.23 -16.11
N LYS A 492 -6.68 -14.76 -16.10
CA LYS A 492 -7.32 -15.30 -17.29
C LYS A 492 -8.65 -14.61 -17.53
N ARG A 493 -9.15 -14.72 -18.76
CA ARG A 493 -10.54 -14.34 -18.99
C ARG A 493 -11.40 -15.37 -18.28
N MET A 494 -12.29 -14.89 -17.43
CA MET A 494 -13.18 -15.77 -16.69
C MET A 494 -14.58 -15.69 -17.27
N PRO A 495 -15.32 -16.81 -17.24
CA PRO A 495 -16.72 -16.86 -17.67
C PRO A 495 -17.52 -15.76 -16.99
N LYS A 496 -18.45 -15.12 -17.69
CA LYS A 496 -19.25 -14.04 -17.10
C LYS A 496 -20.06 -14.55 -15.91
N GLU A 497 -20.28 -15.86 -15.88
CA GLU A 497 -21.11 -16.47 -14.85
C GLU A 497 -20.30 -16.90 -13.62
N SER A 498 -18.97 -16.88 -13.74
CA SER A 498 -18.12 -17.40 -12.68
C SER A 498 -18.22 -16.58 -11.38
N ARG A 499 -17.96 -17.25 -10.26
CA ARG A 499 -17.93 -16.57 -8.97
C ARG A 499 -16.85 -15.50 -8.99
N GLU A 500 -15.72 -15.78 -9.66
CA GLU A 500 -14.61 -14.84 -9.80
C GLU A 500 -14.98 -13.60 -10.60
N TYR A 501 -15.65 -13.81 -11.74
CA TYR A 501 -16.04 -12.67 -12.55
C TYR A 501 -17.05 -11.81 -11.80
N LYS A 502 -17.97 -12.47 -11.10
CA LYS A 502 -18.97 -11.73 -10.34
C LYS A 502 -18.34 -10.90 -9.21
N THR A 503 -17.26 -11.39 -8.62
CA THR A 503 -16.54 -10.64 -7.57
C THR A 503 -15.79 -9.41 -8.14
N ILE A 504 -15.16 -9.57 -9.30
CA ILE A 504 -14.55 -8.42 -9.98
C ILE A 504 -15.56 -7.30 -10.14
N GLU A 505 -16.75 -7.66 -10.62
CA GLU A 505 -17.77 -6.64 -10.87
C GLU A 505 -18.23 -6.00 -9.58
N ARG A 506 -18.40 -6.82 -8.54
CA ARG A 506 -18.81 -6.32 -7.24
C ARG A 506 -17.75 -5.40 -6.66
N MET A 507 -16.50 -5.84 -6.69
CA MET A 507 -15.44 -5.06 -6.05
C MET A 507 -15.21 -3.73 -6.77
N THR A 508 -15.00 -3.76 -8.08
CA THR A 508 -14.81 -2.52 -8.83
C THR A 508 -16.08 -1.67 -8.79
N GLY A 509 -17.22 -2.33 -8.62
CA GLY A 509 -18.49 -1.66 -8.48
C GLY A 509 -18.61 -0.86 -7.19
N ILE A 510 -18.36 -1.51 -6.06
CA ILE A 510 -18.39 -0.85 -4.77
C ILE A 510 -17.32 0.26 -4.72
N TRP A 511 -16.14 -0.01 -5.26
CA TRP A 511 -15.08 0.99 -5.19
C TRP A 511 -15.44 2.21 -6.05
N THR A 512 -15.99 2.01 -7.23
CA THR A 512 -16.40 3.16 -8.03
C THR A 512 -17.62 3.86 -7.44
N GLN A 513 -18.54 3.11 -6.84
CA GLN A 513 -19.70 3.71 -6.17
C GLN A 513 -19.25 4.60 -5.02
N PHE A 514 -18.32 4.11 -4.21
CA PHE A 514 -17.83 4.89 -3.09
C PHE A 514 -17.08 6.14 -3.60
N ALA A 515 -16.29 5.96 -4.65
CA ALA A 515 -15.53 7.06 -5.23
C ALA A 515 -16.45 8.17 -5.73
N THR A 516 -17.59 7.77 -6.29
CA THR A 516 -18.51 8.73 -6.89
C THR A 516 -19.28 9.50 -5.84
N THR A 517 -19.82 8.77 -4.86
CA THR A 517 -20.80 9.30 -3.92
C THR A 517 -20.31 9.47 -2.48
N GLY A 518 -19.28 8.72 -2.08
CA GLY A 518 -18.83 8.75 -0.69
C GLY A 518 -19.63 7.76 0.15
N ASN A 519 -20.46 6.98 -0.54
CA ASN A 519 -21.27 5.92 0.06
C ASN A 519 -21.10 4.66 -0.79
N PRO A 520 -20.65 3.56 -0.18
CA PRO A 520 -20.29 2.36 -0.94
C PRO A 520 -21.48 1.51 -1.40
N TYR A 521 -22.67 1.82 -0.89
CA TYR A 521 -23.84 1.01 -1.21
C TYR A 521 -24.46 1.41 -2.54
N SER A 522 -24.77 0.40 -3.35
CA SER A 522 -25.60 0.60 -4.52
C SER A 522 -26.49 -0.61 -4.73
N ASN A 523 -27.80 -0.40 -4.87
CA ASN A 523 -28.69 -1.50 -5.19
C ASN A 523 -28.48 -2.00 -6.63
N GLU A 524 -27.65 -1.30 -7.40
CA GLU A 524 -27.33 -1.73 -8.76
C GLU A 524 -26.21 -2.79 -8.78
N ILE A 525 -25.76 -3.20 -7.59
CA ILE A 525 -24.70 -4.21 -7.47
C ILE A 525 -25.27 -5.56 -7.07
N GLU A 526 -24.96 -6.59 -7.85
CA GLU A 526 -25.55 -7.91 -7.67
C GLU A 526 -25.20 -8.55 -6.34
N GLY A 527 -26.22 -8.78 -5.51
CA GLY A 527 -26.01 -9.40 -4.22
C GLY A 527 -26.16 -8.40 -3.07
N MET A 528 -26.39 -7.14 -3.42
CA MET A 528 -26.46 -6.07 -2.43
C MET A 528 -27.89 -5.58 -2.15
N GLU A 529 -28.91 -6.35 -2.56
CA GLU A 529 -30.29 -5.90 -2.43
C GLU A 529 -30.72 -5.81 -0.96
N ASN A 530 -30.48 -6.87 -0.19
CA ASN A 530 -30.83 -6.88 1.24
C ASN A 530 -29.76 -6.25 2.13
N VAL A 531 -28.72 -5.69 1.51
CA VAL A 531 -27.65 -5.07 2.28
C VAL A 531 -28.06 -3.69 2.77
N SER A 532 -27.80 -3.44 4.06
CA SER A 532 -27.90 -2.11 4.65
C SER A 532 -26.55 -1.71 5.25
N TRP A 533 -25.72 -1.01 4.48
CA TRP A 533 -24.33 -0.74 4.88
C TRP A 533 -24.16 0.57 5.67
N ASP A 534 -24.31 0.50 6.98
CA ASP A 534 -24.13 1.70 7.77
C ASP A 534 -22.66 1.93 8.15
N PRO A 535 -22.30 3.20 8.38
CA PRO A 535 -20.94 3.45 8.86
C PRO A 535 -20.82 3.19 10.36
N ILE A 536 -19.58 3.13 10.84
CA ILE A 536 -19.29 2.96 12.25
C ILE A 536 -19.58 4.25 13.02
N GLU A 537 -20.22 4.13 14.19
CA GLU A 537 -20.47 5.29 15.03
C GLU A 537 -19.59 5.27 16.27
N LYS A 538 -19.28 6.45 16.79
CA LYS A 538 -18.48 6.55 18.02
C LYS A 538 -19.09 5.69 19.14
N SER A 539 -20.42 5.65 19.23
CA SER A 539 -21.10 4.92 20.29
C SER A 539 -21.11 3.40 20.07
N ASP A 540 -20.76 2.94 18.87
CA ASP A 540 -20.77 1.51 18.57
C ASP A 540 -19.79 0.72 19.43
N GLU A 541 -20.28 -0.36 20.03
CA GLU A 541 -19.46 -1.24 20.85
C GLU A 541 -18.98 -2.45 20.04
N VAL A 542 -19.73 -2.79 18.99
CA VAL A 542 -19.30 -3.84 18.07
C VAL A 542 -19.30 -3.30 16.64
N TYR A 543 -18.18 -3.45 15.94
CA TYR A 543 -18.11 -2.99 14.55
C TYR A 543 -18.96 -3.87 13.62
N LYS A 544 -19.68 -3.23 12.70
CA LYS A 544 -20.35 -3.91 11.62
C LYS A 544 -19.57 -3.70 10.32
N CYS A 545 -19.55 -4.71 9.47
CA CYS A 545 -18.84 -4.64 8.19
C CYS A 545 -19.62 -5.33 7.07
N LEU A 546 -19.41 -4.90 5.83
CA LEU A 546 -19.87 -5.69 4.70
C LEU A 546 -18.89 -6.84 4.51
N ASN A 547 -19.35 -8.04 4.80
CA ASN A 547 -18.59 -9.24 4.51
C ASN A 547 -18.77 -9.65 3.05
N ILE A 548 -17.68 -9.64 2.31
CA ILE A 548 -17.72 -9.89 0.89
C ILE A 548 -17.29 -11.32 0.57
N SER A 549 -18.26 -12.22 0.39
CA SER A 549 -17.91 -13.57 -0.02
C SER A 549 -18.73 -13.91 -1.26
N ASP A 550 -19.10 -15.17 -1.44
CA ASP A 550 -20.02 -15.51 -2.53
C ASP A 550 -21.29 -14.72 -2.37
N GLU A 551 -21.70 -14.53 -1.12
CA GLU A 551 -22.76 -13.57 -0.79
C GLU A 551 -22.22 -12.31 -0.10
N LEU A 552 -22.94 -11.22 -0.28
CA LEU A 552 -22.64 -9.93 0.34
C LEU A 552 -23.53 -9.73 1.55
N LYS A 553 -22.95 -9.72 2.75
CA LYS A 553 -23.76 -9.74 3.96
C LYS A 553 -23.23 -8.78 5.04
N MET A 554 -24.11 -7.97 5.62
CA MET A 554 -23.71 -7.11 6.74
C MET A 554 -23.66 -7.95 8.02
N ILE A 555 -22.49 -8.02 8.62
CA ILE A 555 -22.27 -8.81 9.83
C ILE A 555 -21.47 -8.03 10.87
N ASP A 556 -21.63 -8.39 12.14
CA ASP A 556 -20.69 -7.95 13.17
C ASP A 556 -19.30 -8.49 12.83
N VAL A 557 -18.28 -7.64 12.94
CA VAL A 557 -16.90 -8.08 12.65
C VAL A 557 -16.55 -9.27 13.53
N PRO A 558 -16.23 -10.42 12.92
CA PRO A 558 -15.95 -11.61 13.72
C PRO A 558 -14.72 -11.45 14.58
N GLU A 559 -13.82 -10.57 14.16
CA GLU A 559 -12.57 -10.40 14.86
C GLU A 559 -12.75 -9.58 16.13
N MET A 560 -13.95 -9.05 16.35
CA MET A 560 -14.19 -8.10 17.44
C MET A 560 -13.78 -8.61 18.83
N GLY A 561 -14.15 -9.85 19.18
CA GLY A 561 -13.74 -10.37 20.47
C GLY A 561 -12.21 -10.31 20.69
N LYS A 562 -11.47 -10.79 19.72
CA LYS A 562 -10.03 -10.75 19.81
C LYS A 562 -9.53 -9.32 19.85
N ILE A 563 -10.15 -8.44 19.07
CA ILE A 563 -9.83 -7.03 19.12
C ILE A 563 -9.94 -6.43 20.53
N LYS A 564 -11.03 -6.73 21.26
CA LYS A 564 -11.19 -6.22 22.61
C LYS A 564 -10.21 -6.85 23.57
N GLN A 565 -9.82 -8.09 23.29
CA GLN A 565 -8.78 -8.75 24.08
C GLN A 565 -7.41 -8.05 23.93
N TRP A 566 -7.02 -7.69 22.71
CA TRP A 566 -5.80 -6.89 22.53
C TRP A 566 -5.95 -5.57 23.26
N GLU A 567 -7.13 -4.95 23.12
CA GLU A 567 -7.37 -3.65 23.76
C GLU A 567 -7.14 -3.68 25.27
N SER A 568 -7.41 -4.82 25.90
CA SER A 568 -7.31 -4.93 27.34
C SER A 568 -5.84 -4.87 27.83
N MET A 569 -4.87 -5.01 26.93
CA MET A 569 -3.49 -4.80 27.34
C MET A 569 -3.28 -3.37 27.81
N PHE A 570 -4.15 -2.46 27.39
CA PHE A 570 -4.04 -1.04 27.72
C PHE A 570 -4.88 -0.62 28.94
N GLU A 571 -5.41 -1.59 29.66
CA GLU A 571 -6.25 -1.29 30.82
C GLU A 571 -5.56 -0.37 31.85
N LYS A 572 -4.27 -0.59 32.09
CA LYS A 572 -3.53 0.23 33.05
C LYS A 572 -2.75 1.38 32.39
N HIS A 573 -2.98 1.58 31.09
CA HIS A 573 -2.26 2.60 30.30
C HIS A 573 -3.17 3.15 29.23
N ARG A 574 -4.33 3.68 29.65
CA ARG A 574 -5.36 4.09 28.70
C ARG A 574 -4.88 5.25 27.84
N ASP A 575 -4.01 6.09 28.41
CA ASP A 575 -3.51 7.25 27.69
C ASP A 575 -2.68 6.86 26.45
N LEU A 576 -2.18 5.63 26.43
CA LEU A 576 -1.38 5.20 25.29
C LEU A 576 -2.19 4.49 24.20
N PHE A 577 -3.43 4.12 24.51
CA PHE A 577 -4.23 3.32 23.57
C PHE A 577 -4.54 4.10 22.29
#